data_5KCW
#
_entry.id   5KCW
#
_cell.length_a   55.627
_cell.length_b   81.529
_cell.length_c   58.976
_cell.angle_alpha   90.000
_cell.angle_beta   110.930
_cell.angle_gamma   90.000
#
_symmetry.space_group_name_H-M   'P 1 21 1'
#
loop_
_entity.id
_entity.type
_entity.pdbx_description
1 polymer 'Estrogen receptor'
2 polymer NCOA2
3 non-polymer (1S,2R,4S)-5,6-bis(4-hydroxyphenyl)-N-phenyl-N-(2,2,2-trifluoroethyl)-7-oxabicyclo[2.2.1]hept-5-ene-2-sulfonamide
4 water water
#
loop_
_entity_poly.entity_id
_entity_poly.type
_entity_poly.pdbx_seq_one_letter_code
_entity_poly.pdbx_strand_id
1 'polypeptide(L)'
;IKRSKKNSLALSLTADQMVSALLDAEPPILYSEYDPTRPFSEASMMGLLTNLADRELVHMINWAKRVPGFVDLTLHDQVH
LLECAWLEILMIGLVWRSMEHPGKLLFAPNLLLDRNQGKCVEGMVEIFDMLLATSSRFRMMNLQGEEFVCLKSIILLNSG
VYTFLSSTLKSLEEKDHIHRVLDKITDTLIHLMAKAGLTLQQQHQRLAQLLLILSHIRHMSNKGMEHLYSMKCKNVVPLS
DLLLEMLDAHRLHAPTS
;
A,B
2 'polypeptide(L)' KHKILHRLLQDSSS C,D
#
loop_
_chem_comp.id
_chem_comp.type
_chem_comp.name
_chem_comp.formula
OB9 non-polymer (1S,2R,4S)-5,6-bis(4-hydroxyphenyl)-N-phenyl-N-(2,2,2-trifluoroethyl)-7-oxabicyclo[2.2.1]hept-5-ene-2-sulfonamide 'C26 H22 F3 N O5 S'
#
# COMPACT_ATOMS: atom_id res chain seq x y z
N ASN A 7 0.06 -29.68 4.56
CA ASN A 7 1.43 -29.17 4.58
C ASN A 7 1.87 -28.74 3.19
N SER A 8 2.70 -27.70 3.13
CA SER A 8 3.16 -27.14 1.86
C SER A 8 4.66 -27.31 1.62
N LEU A 9 5.02 -27.69 0.40
CA LEU A 9 6.44 -27.85 0.03
C LEU A 9 7.22 -26.52 0.13
N ALA A 10 6.50 -25.41 0.02
CA ALA A 10 7.11 -24.08 0.06
C ALA A 10 7.90 -23.78 1.34
N LEU A 11 7.34 -24.25 2.44
CA LEU A 11 7.94 -24.04 3.73
C LEU A 11 9.28 -24.73 3.87
N SER A 12 9.43 -25.84 3.21
CA SER A 12 10.55 -26.74 3.41
C SER A 12 11.73 -26.30 2.55
N LEU A 13 11.44 -25.45 1.58
CA LEU A 13 12.46 -24.84 0.74
C LEU A 13 13.45 -24.01 1.57
N THR A 14 14.75 -24.13 1.27
CA THR A 14 15.74 -23.24 1.83
C THR A 14 15.69 -21.87 1.12
N ALA A 15 16.48 -20.92 1.59
CA ALA A 15 16.42 -19.57 1.06
C ALA A 15 16.90 -19.54 -0.39
N ASP A 16 18.03 -20.18 -0.63
CA ASP A 16 18.60 -20.28 -1.97
C ASP A 16 17.63 -20.99 -2.91
N GLN A 17 17.05 -22.08 -2.45
CA GLN A 17 16.02 -22.79 -3.21
C GLN A 17 14.81 -21.92 -3.55
N MET A 18 14.38 -21.09 -2.60
CA MET A 18 13.29 -20.15 -2.86
C MET A 18 13.68 -19.16 -3.95
N VAL A 19 14.87 -18.58 -3.80
CA VAL A 19 15.39 -17.62 -4.76
C VAL A 19 15.46 -18.26 -6.15
N SER A 20 16.10 -19.42 -6.22
CA SER A 20 16.29 -20.10 -7.48
C SER A 20 14.95 -20.43 -8.11
N ALA A 21 13.98 -20.83 -7.28
CA ALA A 21 12.64 -21.13 -7.77
C ALA A 21 11.99 -19.88 -8.36
N LEU A 22 12.06 -18.78 -7.61
CA LEU A 22 11.47 -17.51 -8.06
C LEU A 22 12.14 -16.99 -9.33
N LEU A 23 13.47 -17.00 -9.38
CA LEU A 23 14.18 -16.64 -10.60
C LEU A 23 13.76 -17.50 -11.79
N ASP A 24 13.68 -18.81 -11.58
CA ASP A 24 13.34 -19.74 -12.66
C ASP A 24 11.92 -19.48 -13.15
N ALA A 25 11.07 -18.96 -12.27
CA ALA A 25 9.67 -18.71 -12.57
C ALA A 25 9.47 -17.43 -13.39
N GLU A 26 10.51 -16.62 -13.50
CA GLU A 26 10.35 -15.28 -14.10
C GLU A 26 9.74 -15.37 -15.48
N PRO A 27 8.76 -14.50 -15.77
CA PRO A 27 8.20 -14.48 -17.12
C PRO A 27 9.16 -13.81 -18.08
N PRO A 28 8.98 -13.98 -19.41
CA PRO A 28 9.86 -13.31 -20.37
C PRO A 28 9.52 -11.84 -20.62
N ILE A 29 10.47 -11.10 -21.18
CA ILE A 29 10.22 -9.71 -21.52
C ILE A 29 9.63 -9.63 -22.92
N LEU A 30 8.38 -9.22 -22.99
CA LEU A 30 7.65 -9.25 -24.26
C LEU A 30 7.85 -7.96 -25.05
N TYR A 31 7.65 -8.06 -26.37
CA TYR A 31 7.74 -6.91 -27.27
C TYR A 31 6.36 -6.35 -27.59
N SER A 32 6.27 -5.06 -27.88
CA SER A 32 5.02 -4.53 -28.41
C SER A 32 5.01 -4.69 -29.91
N GLU A 33 3.89 -4.32 -30.54
CA GLU A 33 3.81 -4.23 -31.99
C GLU A 33 4.92 -3.31 -32.53
N TYR A 34 5.36 -3.58 -33.76
CA TYR A 34 6.58 -2.97 -34.31
C TYR A 34 6.32 -1.74 -35.19
N THR A 37 6.24 4.13 -35.85
CA THR A 37 5.41 3.84 -34.68
C THR A 37 5.01 5.14 -33.98
N ARG A 38 5.95 5.71 -33.24
CA ARG A 38 5.79 7.06 -32.71
C ARG A 38 5.72 8.05 -33.89
N PRO A 39 5.05 9.20 -33.70
CA PRO A 39 4.33 9.69 -32.51
C PRO A 39 3.06 8.92 -32.18
N PHE A 40 2.44 9.25 -31.05
CA PHE A 40 1.31 8.50 -30.53
C PHE A 40 0.08 9.35 -30.22
N SER A 41 -1.10 8.75 -30.43
CA SER A 41 -2.36 9.34 -30.01
C SER A 41 -2.89 8.53 -28.82
N GLU A 42 -3.95 9.02 -28.19
CA GLU A 42 -4.53 8.32 -27.05
C GLU A 42 -4.96 6.90 -27.40
N ALA A 43 -5.62 6.75 -28.56
CA ALA A 43 -6.08 5.43 -28.98
C ALA A 43 -4.93 4.48 -29.27
N SER A 44 -3.92 4.95 -30.02
CA SER A 44 -2.82 4.05 -30.39
C SER A 44 -1.94 3.77 -29.16
N MET A 45 -1.83 4.75 -28.28
CA MET A 45 -1.16 4.53 -27.01
C MET A 45 -1.82 3.39 -26.24
N MET A 46 -3.11 3.54 -26.01
CA MET A 46 -3.82 2.57 -25.19
C MET A 46 -3.94 1.24 -25.93
N GLY A 47 -3.97 1.32 -27.25
CA GLY A 47 -3.96 0.14 -28.10
C GLY A 47 -2.73 -0.73 -27.85
N LEU A 48 -1.55 -0.13 -27.90
CA LEU A 48 -0.31 -0.88 -27.68
C LEU A 48 -0.24 -1.40 -26.24
N LEU A 49 -0.63 -0.58 -25.28
CA LEU A 49 -0.46 -0.97 -23.88
C LEU A 49 -1.43 -2.09 -23.51
N THR A 50 -2.65 -1.99 -24.01
CA THR A 50 -3.68 -3.00 -23.77
C THR A 50 -3.30 -4.32 -24.43
N ASN A 51 -2.81 -4.26 -25.66
CA ASN A 51 -2.33 -5.45 -26.35
C ASN A 51 -1.20 -6.13 -25.58
N LEU A 52 -0.24 -5.31 -25.15
CA LEU A 52 0.91 -5.78 -24.41
C LEU A 52 0.53 -6.35 -23.05
N ALA A 53 -0.28 -5.61 -22.31
CA ALA A 53 -0.68 -6.04 -20.98
C ALA A 53 -1.41 -7.36 -21.06
N ASP A 54 -2.27 -7.48 -22.06
CA ASP A 54 -3.04 -8.70 -22.23
C ASP A 54 -2.13 -9.92 -22.42
N ARG A 55 -1.09 -9.80 -23.24
CA ARG A 55 -0.18 -10.94 -23.44
C ARG A 55 0.64 -11.16 -22.15
N GLU A 56 0.97 -10.09 -21.43
CA GLU A 56 1.73 -10.23 -20.19
C GLU A 56 0.95 -11.01 -19.13
N LEU A 57 -0.36 -10.87 -19.16
CA LEU A 57 -1.23 -11.47 -18.17
C LEU A 57 -1.20 -13.00 -18.27
N VAL A 58 -1.18 -13.52 -19.50
CA VAL A 58 -1.11 -14.94 -19.70
C VAL A 58 0.18 -15.50 -19.08
N HIS A 59 1.29 -14.82 -19.26
CA HIS A 59 2.56 -15.25 -18.63
C HIS A 59 2.55 -15.11 -17.08
N MET A 60 1.90 -14.05 -16.61
CA MET A 60 1.81 -13.81 -15.17
C MET A 60 1.10 -14.98 -14.50
N ILE A 61 0.01 -15.43 -15.09
CA ILE A 61 -0.74 -16.56 -14.53
C ILE A 61 0.12 -17.82 -14.45
N ASN A 62 0.94 -18.08 -15.46
CA ASN A 62 1.82 -19.24 -15.40
C ASN A 62 2.98 -19.00 -14.45
N TRP A 63 3.39 -17.74 -14.31
CA TRP A 63 4.38 -17.39 -13.29
C TRP A 63 3.81 -17.62 -11.88
N ALA A 64 2.61 -17.13 -11.65
CA ALA A 64 2.01 -17.22 -10.30
C ALA A 64 1.90 -18.67 -9.84
N LYS A 65 1.56 -19.59 -10.74
CA LYS A 65 1.45 -21.01 -10.38
C LYS A 65 2.78 -21.62 -9.96
N ARG A 66 3.86 -20.92 -10.31
CA ARG A 66 5.20 -21.37 -9.96
C ARG A 66 5.79 -20.67 -8.74
N VAL A 67 5.05 -19.71 -8.18
CA VAL A 67 5.44 -19.10 -6.92
C VAL A 67 5.14 -20.08 -5.79
N PRO A 68 6.17 -20.50 -5.07
CA PRO A 68 5.99 -21.55 -4.06
C PRO A 68 4.87 -21.20 -3.08
N GLY A 69 3.90 -22.09 -2.91
CA GLY A 69 2.79 -21.85 -2.00
C GLY A 69 1.49 -21.54 -2.71
N PHE A 70 1.59 -20.96 -3.91
CA PHE A 70 0.41 -20.56 -4.68
C PHE A 70 -0.43 -21.74 -5.16
N VAL A 71 0.24 -22.80 -5.64
CA VAL A 71 -0.46 -24.02 -6.06
C VAL A 71 -1.27 -24.66 -4.94
N ASP A 72 -0.88 -24.38 -3.70
CA ASP A 72 -1.54 -25.02 -2.55
C ASP A 72 -2.89 -24.40 -2.23
N LEU A 73 -3.12 -23.18 -2.72
CA LEU A 73 -4.39 -22.49 -2.51
C LEU A 73 -5.51 -23.11 -3.36
N THR A 74 -6.76 -22.95 -2.93
CA THR A 74 -7.89 -23.35 -3.77
C THR A 74 -7.89 -22.49 -5.05
N LEU A 75 -8.55 -22.98 -6.09
CA LEU A 75 -8.71 -22.23 -7.32
C LEU A 75 -9.31 -20.86 -7.02
N HIS A 76 -10.34 -20.81 -6.18
CA HIS A 76 -11.00 -19.55 -5.87
C HIS A 76 -10.06 -18.52 -5.25
N ASP A 77 -9.22 -18.98 -4.32
CA ASP A 77 -8.29 -18.07 -3.66
C ASP A 77 -7.20 -17.61 -4.63
N GLN A 78 -6.76 -18.50 -5.52
CA GLN A 78 -5.79 -18.10 -6.54
C GLN A 78 -6.37 -17.00 -7.40
N VAL A 79 -7.62 -17.19 -7.82
CA VAL A 79 -8.31 -16.22 -8.66
C VAL A 79 -8.37 -14.86 -7.97
N HIS A 80 -8.74 -14.89 -6.69
CA HIS A 80 -8.88 -13.67 -5.92
C HIS A 80 -7.57 -12.91 -5.84
N LEU A 81 -6.49 -13.62 -5.50
CA LEU A 81 -5.22 -12.94 -5.37
C LEU A 81 -4.78 -12.30 -6.68
N LEU A 82 -4.92 -13.03 -7.79
CA LEU A 82 -4.49 -12.48 -9.07
C LEU A 82 -5.37 -11.31 -9.49
N GLU A 83 -6.67 -11.42 -9.27
CA GLU A 83 -7.59 -10.30 -9.51
C GLU A 83 -7.18 -9.05 -8.74
N CYS A 84 -6.81 -9.20 -7.47
CA CYS A 84 -6.39 -8.04 -6.67
C CYS A 84 -5.03 -7.49 -7.08
N ALA A 85 -4.10 -8.36 -7.47
CA ALA A 85 -2.69 -7.98 -7.58
C ALA A 85 -2.22 -7.69 -8.98
N TRP A 86 -3.02 -8.00 -10.00
CA TRP A 86 -2.43 -8.05 -11.35
C TRP A 86 -1.84 -6.71 -11.82
N LEU A 87 -2.48 -5.57 -11.57
CA LEU A 87 -1.90 -4.33 -12.09
C LEU A 87 -0.64 -3.98 -11.28
N GLU A 88 -0.67 -4.23 -9.98
CA GLU A 88 0.52 -4.05 -9.14
C GLU A 88 1.72 -4.84 -9.66
N ILE A 89 1.45 -6.07 -10.07
CA ILE A 89 2.48 -6.96 -10.57
C ILE A 89 2.99 -6.46 -11.95
N LEU A 90 2.09 -6.00 -12.81
CA LEU A 90 2.52 -5.43 -14.09
C LEU A 90 3.37 -4.19 -13.82
N MET A 91 2.96 -3.38 -12.84
CA MET A 91 3.68 -2.15 -12.55
C MET A 91 5.07 -2.37 -11.95
N ILE A 92 5.18 -3.31 -11.01
CA ILE A 92 6.49 -3.50 -10.39
C ILE A 92 7.44 -4.08 -11.45
N GLY A 93 6.89 -4.91 -12.35
CA GLY A 93 7.67 -5.42 -13.48
C GLY A 93 8.17 -4.29 -14.36
N LEU A 94 7.26 -3.38 -14.72
CA LEU A 94 7.62 -2.23 -15.54
C LEU A 94 8.69 -1.38 -14.87
N VAL A 95 8.53 -1.13 -13.59
CA VAL A 95 9.48 -0.32 -12.85
C VAL A 95 10.86 -0.99 -12.80
N TRP A 96 10.87 -2.29 -12.59
CA TRP A 96 12.11 -3.06 -12.54
C TRP A 96 12.94 -2.96 -13.82
N ARG A 97 12.30 -3.14 -14.97
CA ARG A 97 13.08 -3.16 -16.21
C ARG A 97 13.33 -1.74 -16.75
N SER A 98 12.71 -0.75 -16.11
CA SER A 98 12.95 0.67 -16.40
C SER A 98 14.11 1.25 -15.60
N MET A 99 14.59 0.51 -14.60
CA MET A 99 15.64 1.02 -13.70
C MET A 99 16.81 1.65 -14.41
N GLU A 100 17.26 0.95 -15.44
CA GLU A 100 18.50 1.17 -16.07
C GLU A 100 18.33 2.28 -17.08
N HIS A 101 17.13 2.81 -17.20
CA HIS A 101 16.82 3.85 -18.14
C HIS A 101 16.21 5.04 -17.42
N PRO A 102 17.02 5.74 -16.64
CA PRO A 102 16.51 6.84 -15.80
C PRO A 102 15.71 7.83 -16.62
N GLY A 103 14.55 8.22 -16.14
CA GLY A 103 13.72 9.17 -16.84
C GLY A 103 12.81 8.51 -17.86
N LYS A 104 12.96 7.21 -18.06
CA LYS A 104 12.18 6.51 -19.05
C LYS A 104 11.40 5.36 -18.46
N LEU A 105 10.38 4.91 -19.16
CA LEU A 105 9.66 3.70 -18.80
C LEU A 105 9.79 2.69 -19.95
N LEU A 106 10.45 1.58 -19.67
CA LEU A 106 10.68 0.55 -20.68
C LEU A 106 9.51 -0.42 -20.65
N PHE A 107 8.43 -0.07 -21.35
CA PHE A 107 7.26 -0.92 -21.40
C PHE A 107 7.61 -2.22 -22.12
N ALA A 108 8.35 -2.08 -23.21
CA ALA A 108 8.93 -3.22 -23.93
C ALA A 108 10.27 -2.76 -24.48
N PRO A 109 11.13 -3.71 -24.91
CA PRO A 109 12.39 -3.27 -25.51
C PRO A 109 12.19 -2.31 -26.68
N ASN A 110 11.10 -2.47 -27.43
CA ASN A 110 10.82 -1.59 -28.56
C ASN A 110 9.76 -0.55 -28.26
N LEU A 111 9.54 -0.27 -26.97
CA LEU A 111 8.56 0.73 -26.57
C LEU A 111 9.04 1.41 -25.28
N LEU A 112 10.02 2.29 -25.43
CA LEU A 112 10.62 3.00 -24.31
C LEU A 112 10.14 4.44 -24.33
N LEU A 113 9.48 4.87 -23.27
CA LEU A 113 8.75 6.13 -23.29
C LEU A 113 9.15 7.10 -22.17
N ASP A 114 8.95 8.39 -22.42
CA ASP A 114 9.15 9.40 -21.38
C ASP A 114 7.87 10.18 -21.09
N ARG A 115 7.99 11.23 -20.29
CA ARG A 115 6.80 11.89 -19.80
C ARG A 115 5.95 12.48 -20.91
N ASN A 116 6.60 13.13 -21.86
CA ASN A 116 5.89 13.78 -22.96
C ASN A 116 4.83 12.90 -23.60
N GLN A 117 5.19 11.65 -23.81
CA GLN A 117 4.25 10.69 -24.36
C GLN A 117 3.10 10.54 -23.39
N GLY A 118 3.38 10.58 -22.09
CA GLY A 118 2.37 10.42 -21.05
C GLY A 118 1.21 11.40 -21.10
N LYS A 119 1.40 12.50 -21.80
CA LYS A 119 0.33 13.44 -21.96
C LYS A 119 -0.77 12.76 -22.73
N CYS A 120 -0.37 11.75 -23.48
CA CYS A 120 -1.20 11.21 -24.53
C CYS A 120 -2.62 10.98 -24.08
N VAL A 121 -2.79 10.51 -22.86
CA VAL A 121 -4.08 10.14 -22.32
C VAL A 121 -4.45 11.06 -21.17
N GLU A 122 -5.56 10.74 -20.52
CA GLU A 122 -5.96 11.55 -19.38
C GLU A 122 -5.62 10.81 -18.09
N GLY A 123 -4.71 11.39 -17.32
CA GLY A 123 -4.30 10.80 -16.06
C GLY A 123 -3.04 9.95 -16.18
N MET A 124 -2.59 9.73 -17.41
CA MET A 124 -1.40 8.90 -17.61
C MET A 124 -0.15 9.57 -17.04
N VAL A 125 -0.03 10.89 -17.20
CA VAL A 125 1.14 11.64 -16.71
C VAL A 125 1.41 11.48 -15.22
N GLU A 126 0.36 11.61 -14.41
CA GLU A 126 0.49 11.48 -12.95
C GLU A 126 0.97 10.10 -12.56
N ILE A 127 0.40 9.09 -13.20
CA ILE A 127 0.83 7.72 -12.96
C ILE A 127 2.24 7.51 -13.50
N PHE A 128 2.48 8.12 -14.66
CA PHE A 128 3.78 8.08 -15.30
C PHE A 128 4.85 8.55 -14.33
N ASP A 129 4.63 9.71 -13.74
CA ASP A 129 5.59 10.27 -12.84
C ASP A 129 5.81 9.44 -11.59
N MET A 130 4.73 8.92 -11.04
CA MET A 130 4.82 8.01 -9.90
C MET A 130 5.64 6.76 -10.24
N LEU A 131 5.43 6.23 -11.44
CA LEU A 131 6.17 5.07 -11.88
C LEU A 131 7.65 5.40 -12.00
N LEU A 132 7.96 6.57 -12.54
CA LEU A 132 9.35 7.02 -12.68
C LEU A 132 10.05 7.24 -11.35
N ALA A 133 9.36 7.84 -10.40
CA ALA A 133 9.90 8.00 -9.05
C ALA A 133 10.20 6.64 -8.41
N THR A 134 9.32 5.67 -8.62
CA THR A 134 9.54 4.35 -8.07
C THR A 134 10.76 3.72 -8.68
N SER A 135 10.90 3.87 -9.97
CA SER A 135 12.02 3.34 -10.68
C SER A 135 13.30 3.95 -10.17
N SER A 136 13.28 5.26 -9.99
CA SER A 136 14.44 5.96 -9.52
C SER A 136 14.79 5.51 -8.12
N ARG A 137 13.78 5.29 -7.32
CA ARG A 137 14.00 4.82 -6.00
C ARG A 137 14.64 3.46 -5.98
N PHE A 138 14.16 2.56 -6.80
CA PHE A 138 14.79 1.24 -6.96
C PHE A 138 16.25 1.36 -7.41
N ARG A 139 16.54 2.32 -8.29
CA ARG A 139 17.88 2.47 -8.82
C ARG A 139 18.82 2.99 -7.74
N MET A 140 18.38 4.02 -7.02
CA MET A 140 19.17 4.61 -5.96
C MET A 140 19.42 3.61 -4.84
N MET A 141 18.48 2.68 -4.65
CA MET A 141 18.64 1.62 -3.66
C MET A 141 19.45 0.43 -4.18
N ASN A 142 19.80 0.45 -5.47
CA ASN A 142 20.46 -0.69 -6.13
C ASN A 142 19.74 -2.01 -5.88
N LEU A 143 18.45 -2.02 -6.15
CA LEU A 143 17.62 -3.22 -5.99
C LEU A 143 18.17 -4.33 -6.85
N GLN A 144 18.29 -5.53 -6.28
CA GLN A 144 18.83 -6.67 -7.01
C GLN A 144 17.69 -7.52 -7.53
N GLY A 145 17.93 -8.25 -8.60
CA GLY A 145 16.91 -9.12 -9.17
C GLY A 145 16.32 -10.10 -8.17
N GLU A 146 17.19 -10.62 -7.30
CA GLU A 146 16.76 -11.56 -6.28
C GLU A 146 15.80 -10.89 -5.29
N GLU A 147 16.06 -9.62 -4.99
CA GLU A 147 15.15 -8.88 -4.10
C GLU A 147 13.85 -8.60 -4.82
N PHE A 148 13.97 -8.16 -6.08
CA PHE A 148 12.82 -7.88 -6.93
C PHE A 148 11.84 -9.05 -7.00
N VAL A 149 12.32 -10.27 -7.21
CA VAL A 149 11.37 -11.35 -7.38
C VAL A 149 10.72 -11.69 -6.05
N CYS A 150 11.43 -11.48 -4.95
CA CYS A 150 10.82 -11.64 -3.63
C CYS A 150 9.67 -10.62 -3.44
N LEU A 151 9.93 -9.36 -3.78
CA LEU A 151 8.94 -8.30 -3.65
C LEU A 151 7.71 -8.59 -4.49
N LYS A 152 7.91 -9.06 -5.71
CA LYS A 152 6.80 -9.31 -6.62
C LYS A 152 5.90 -10.44 -6.10
N SER A 153 6.51 -11.47 -5.53
CA SER A 153 5.74 -12.58 -4.97
C SER A 153 4.97 -12.14 -3.73
N ILE A 154 5.61 -11.30 -2.92
CA ILE A 154 4.95 -10.71 -1.76
C ILE A 154 3.68 -9.98 -2.17
N ILE A 155 3.78 -9.18 -3.23
CA ILE A 155 2.60 -8.49 -3.77
C ILE A 155 1.48 -9.45 -4.14
N LEU A 156 1.82 -10.53 -4.84
CA LEU A 156 0.82 -11.52 -5.20
C LEU A 156 0.06 -12.09 -3.99
N LEU A 157 0.81 -12.61 -3.04
CA LEU A 157 0.25 -13.16 -1.83
C LEU A 157 -0.41 -12.17 -0.86
N ASN A 158 0.21 -11.03 -0.66
CA ASN A 158 -0.31 -9.99 0.22
C ASN A 158 -1.53 -9.22 -0.18
N SER A 159 -1.62 -8.87 -1.43
CA SER A 159 -2.44 -7.74 -1.79
C SER A 159 -3.93 -8.06 -1.58
N GLY A 160 -4.28 -9.32 -1.70
CA GLY A 160 -5.66 -9.72 -1.59
C GLY A 160 -5.99 -10.49 -0.31
N VAL A 161 -4.99 -10.79 0.51
CA VAL A 161 -5.19 -11.73 1.64
C VAL A 161 -6.04 -11.17 2.79
N TYR A 162 -6.21 -9.86 2.86
CA TYR A 162 -7.04 -9.25 3.90
C TYR A 162 -8.49 -9.16 3.46
N THR A 163 -8.72 -9.42 2.18
CA THR A 163 -10.06 -9.38 1.60
C THR A 163 -10.60 -10.78 1.31
N PHE A 164 -10.14 -11.74 2.07
CA PHE A 164 -10.70 -13.08 2.02
C PHE A 164 -11.91 -13.21 2.93
N LYS A 175 -5.43 -19.06 4.37
CA LYS A 175 -5.49 -18.13 5.49
C LYS A 175 -4.11 -17.96 6.14
N ASP A 176 -3.81 -18.81 7.12
CA ASP A 176 -2.53 -18.79 7.78
C ASP A 176 -1.43 -19.31 6.86
N HIS A 177 -1.82 -20.12 5.87
CA HIS A 177 -0.88 -20.63 4.88
C HIS A 177 -0.15 -19.50 4.18
N ILE A 178 -0.92 -18.55 3.69
CA ILE A 178 -0.41 -17.40 2.97
C ILE A 178 0.57 -16.60 3.85
N HIS A 179 0.25 -16.50 5.14
CA HIS A 179 1.09 -15.73 6.05
C HIS A 179 2.41 -16.43 6.38
N ARG A 180 2.37 -17.76 6.53
CA ARG A 180 3.62 -18.52 6.68
C ARG A 180 4.48 -18.44 5.41
N VAL A 181 3.85 -18.37 4.24
CA VAL A 181 4.64 -18.26 3.01
C VAL A 181 5.25 -16.88 2.94
N LEU A 182 4.47 -15.87 3.34
CA LEU A 182 4.97 -14.51 3.37
C LEU A 182 6.15 -14.40 4.31
N ASP A 183 6.05 -15.07 5.47
CA ASP A 183 7.13 -15.13 6.44
C ASP A 183 8.39 -15.73 5.79
N LYS A 184 8.22 -16.84 5.09
CA LYS A 184 9.31 -17.49 4.38
C LYS A 184 10.01 -16.53 3.41
N ILE A 185 9.24 -15.68 2.74
CA ILE A 185 9.81 -14.76 1.77
C ILE A 185 10.56 -13.63 2.49
N THR A 186 9.99 -13.12 3.58
CA THR A 186 10.73 -12.21 4.47
C THR A 186 12.09 -12.80 4.88
N ASP A 187 12.09 -14.05 5.34
CA ASP A 187 13.32 -14.74 5.70
C ASP A 187 14.29 -14.73 4.51
N THR A 188 13.72 -14.83 3.31
CA THR A 188 14.53 -14.98 2.12
C THR A 188 15.14 -13.62 1.72
N LEU A 189 14.38 -12.55 1.89
CA LEU A 189 14.91 -11.21 1.66
C LEU A 189 16.06 -10.88 2.61
N ILE A 190 15.86 -11.16 3.90
CA ILE A 190 16.91 -10.96 4.90
C ILE A 190 18.17 -11.78 4.57
N HIS A 191 18.00 -13.06 4.25
CA HIS A 191 19.09 -13.92 3.80
C HIS A 191 19.87 -13.30 2.65
N LEU A 192 19.17 -12.69 1.70
CA LEU A 192 19.82 -12.06 0.56
C LEU A 192 20.69 -10.88 0.99
N MET A 193 20.15 -10.08 1.91
CA MET A 193 20.84 -8.90 2.41
C MET A 193 22.02 -9.27 3.30
N ALA A 194 21.85 -10.29 4.12
CA ALA A 194 22.95 -10.77 4.93
C ALA A 194 24.09 -11.17 3.99
N LYS A 195 23.75 -11.90 2.95
CA LYS A 195 24.71 -12.37 1.96
C LYS A 195 25.41 -11.23 1.22
N ALA A 196 24.71 -10.11 1.05
CA ALA A 196 25.31 -8.97 0.34
C ALA A 196 26.20 -8.14 1.26
N GLY A 197 26.31 -8.56 2.51
CA GLY A 197 27.22 -7.93 3.46
C GLY A 197 26.61 -6.93 4.45
N LEU A 198 25.29 -6.74 4.39
CA LEU A 198 24.67 -5.73 5.23
C LEU A 198 24.68 -6.10 6.71
N THR A 199 24.89 -5.11 7.57
CA THR A 199 24.78 -5.30 9.00
C THR A 199 23.34 -5.61 9.39
N LEU A 200 23.15 -6.01 10.65
CA LEU A 200 21.81 -6.25 11.19
C LEU A 200 20.90 -5.02 11.02
N GLN A 201 21.42 -3.86 11.39
CA GLN A 201 20.62 -2.63 11.29
C GLN A 201 20.32 -2.29 9.83
N GLN A 202 21.30 -2.48 8.96
CA GLN A 202 21.09 -2.20 7.54
C GLN A 202 20.08 -3.16 6.93
N GLN A 203 20.03 -4.35 7.46
CA GLN A 203 19.12 -5.33 6.98
C GLN A 203 17.69 -4.98 7.30
N HIS A 204 17.41 -4.62 8.54
CA HIS A 204 16.05 -4.31 8.90
C HIS A 204 15.64 -3.03 8.24
N GLN A 205 16.55 -2.09 8.19
CA GLN A 205 16.26 -0.85 7.55
C GLN A 205 15.87 -1.03 6.09
N ARG A 206 16.67 -1.75 5.33
CA ARG A 206 16.39 -1.97 3.92
C ARG A 206 15.09 -2.75 3.73
N LEU A 207 14.85 -3.73 4.59
CA LEU A 207 13.60 -4.50 4.53
C LEU A 207 12.40 -3.55 4.62
N ALA A 208 12.41 -2.66 5.61
CA ALA A 208 11.34 -1.69 5.78
C ALA A 208 11.19 -0.80 4.55
N GLN A 209 12.30 -0.25 4.07
CA GLN A 209 12.29 0.62 2.90
C GLN A 209 11.64 -0.06 1.70
N LEU A 210 12.02 -1.31 1.43
CA LEU A 210 11.44 -2.03 0.32
C LEU A 210 9.95 -2.25 0.52
N LEU A 211 9.54 -2.66 1.72
CA LEU A 211 8.13 -2.95 1.94
C LEU A 211 7.26 -1.70 1.89
N LEU A 212 7.81 -0.56 2.28
CA LEU A 212 7.04 0.70 2.24
C LEU A 212 6.78 1.10 0.80
N ILE A 213 7.76 0.86 -0.07
CA ILE A 213 7.53 1.13 -1.47
C ILE A 213 6.31 0.34 -2.01
N LEU A 214 6.06 -0.83 -1.43
CA LEU A 214 4.89 -1.61 -1.82
C LEU A 214 3.59 -0.85 -1.58
N SER A 215 3.58 0.02 -0.56
CA SER A 215 2.42 0.85 -0.30
C SER A 215 2.20 1.80 -1.46
N HIS A 216 3.29 2.32 -2.01
CA HIS A 216 3.20 3.26 -3.12
C HIS A 216 2.78 2.52 -4.41
N ILE A 217 3.29 1.31 -4.58
CA ILE A 217 2.87 0.50 -5.71
C ILE A 217 1.37 0.23 -5.62
N ARG A 218 0.86 -0.08 -4.43
CA ARG A 218 -0.59 -0.23 -4.25
C ARG A 218 -1.32 1.03 -4.70
N HIS A 219 -0.76 2.20 -4.35
CA HIS A 219 -1.44 3.45 -4.63
C HIS A 219 -1.50 3.69 -6.14
N MET A 220 -0.39 3.47 -6.81
CA MET A 220 -0.34 3.63 -8.26
C MET A 220 -1.40 2.75 -8.93
N SER A 221 -1.48 1.49 -8.49
CA SER A 221 -2.44 0.55 -9.04
C SER A 221 -3.87 1.00 -8.82
N ASN A 222 -4.17 1.50 -7.62
CA ASN A 222 -5.51 1.99 -7.36
C ASN A 222 -5.87 3.11 -8.32
N LYS A 223 -4.96 4.08 -8.48
CA LYS A 223 -5.23 5.22 -9.35
C LYS A 223 -5.26 4.75 -10.79
N GLY A 224 -4.38 3.82 -11.13
CA GLY A 224 -4.36 3.26 -12.48
C GLY A 224 -5.67 2.57 -12.79
N MET A 225 -6.18 1.80 -11.83
CA MET A 225 -7.36 0.99 -12.05
C MET A 225 -8.61 1.82 -12.29
N GLU A 226 -8.74 2.97 -11.63
CA GLU A 226 -9.97 3.74 -11.86
C GLU A 226 -9.91 4.44 -13.21
N HIS A 227 -8.71 4.61 -13.75
CA HIS A 227 -8.60 5.16 -15.09
C HIS A 227 -8.96 4.13 -16.14
N LEU A 228 -8.56 2.88 -15.91
CA LEU A 228 -8.91 1.80 -16.83
C LEU A 228 -10.43 1.61 -16.83
N TYR A 229 -11.04 1.88 -15.68
CA TYR A 229 -12.49 1.87 -15.54
C TYR A 229 -13.16 2.89 -16.45
N SER A 230 -12.67 4.13 -16.43
CA SER A 230 -13.26 5.19 -17.23
C SER A 230 -13.05 4.94 -18.71
N MET A 231 -11.92 4.35 -19.05
CA MET A 231 -11.61 4.00 -20.42
C MET A 231 -12.56 2.90 -20.91
N LYS A 232 -12.94 2.02 -20.02
CA LYS A 232 -13.99 1.08 -20.35
C LYS A 232 -15.20 1.91 -20.62
N CYS A 233 -15.33 2.99 -19.88
CA CYS A 233 -16.50 3.81 -19.87
C CYS A 233 -16.18 5.06 -20.64
N LYS A 234 -15.44 4.91 -21.74
CA LYS A 234 -15.90 5.51 -22.97
C LYS A 234 -16.15 4.56 -24.14
N ASN A 235 -15.46 3.43 -24.19
CA ASN A 235 -15.06 2.84 -25.46
C ASN A 235 -13.94 3.54 -26.21
N VAL A 236 -12.97 4.01 -25.46
CA VAL A 236 -11.81 4.61 -26.06
C VAL A 236 -11.14 3.58 -26.95
N VAL A 237 -11.07 2.35 -26.47
CA VAL A 237 -10.36 1.31 -27.16
C VAL A 237 -11.00 0.01 -26.81
N PRO A 238 -10.81 -0.96 -27.67
CA PRO A 238 -11.25 -2.32 -27.32
C PRO A 238 -10.37 -2.94 -26.25
N LEU A 239 -10.99 -3.40 -25.17
CA LEU A 239 -10.25 -4.13 -24.14
C LEU A 239 -10.77 -5.56 -24.14
N SER A 240 -9.86 -6.52 -23.98
CA SER A 240 -10.22 -7.93 -24.09
C SER A 240 -11.17 -8.36 -22.99
N ASP A 241 -11.85 -9.49 -23.20
CA ASP A 241 -12.73 -10.07 -22.19
C ASP A 241 -11.93 -10.34 -20.92
N LEU A 242 -10.71 -10.84 -21.09
CA LEU A 242 -9.84 -11.13 -19.95
C LEU A 242 -9.55 -9.87 -19.14
N LEU A 243 -9.18 -8.79 -19.82
CA LEU A 243 -8.91 -7.54 -19.12
C LEU A 243 -10.17 -7.00 -18.44
N LEU A 244 -11.31 -7.17 -19.10
CA LEU A 244 -12.58 -6.74 -18.55
C LEU A 244 -12.91 -7.42 -17.24
N GLU A 245 -12.66 -8.73 -17.16
CA GLU A 245 -13.04 -9.43 -15.95
C GLU A 245 -11.99 -9.24 -14.85
N MET A 246 -10.74 -9.02 -15.20
CA MET A 246 -9.77 -8.57 -14.22
C MET A 246 -10.14 -7.21 -13.67
N LEU A 247 -10.57 -6.35 -14.56
CA LEU A 247 -11.01 -5.00 -14.21
C LEU A 247 -12.26 -5.01 -13.33
N ASP A 248 -13.27 -5.77 -13.76
CA ASP A 248 -14.57 -5.80 -13.09
CA ASP A 248 -14.56 -5.81 -13.08
C ASP A 248 -14.46 -6.25 -11.62
N ALA A 249 -13.40 -6.97 -11.28
CA ALA A 249 -13.22 -7.43 -9.89
C ALA A 249 -12.91 -6.28 -8.94
N HIS A 250 -12.66 -5.09 -9.49
CA HIS A 250 -12.28 -3.92 -8.70
C HIS A 250 -13.39 -2.88 -8.62
N ARG A 251 -14.50 -3.12 -9.30
CA ARG A 251 -15.62 -2.18 -9.30
C ARG A 251 -16.41 -2.29 -8.02
N SER B 8 16.46 18.80 13.79
CA SER B 8 17.80 18.35 14.18
C SER B 8 17.73 17.11 15.07
N LEU B 9 16.92 17.19 16.12
CA LEU B 9 17.00 16.24 17.23
C LEU B 9 16.35 14.89 16.96
N ALA B 10 15.65 14.74 15.84
CA ALA B 10 14.93 13.50 15.56
C ALA B 10 15.90 12.33 15.34
N LEU B 11 17.10 12.64 14.89
CA LEU B 11 18.09 11.62 14.56
C LEU B 11 19.06 11.34 15.70
N SER B 12 18.81 11.95 16.85
CA SER B 12 19.68 11.74 18.01
C SER B 12 18.93 11.04 19.14
N LEU B 13 17.65 10.76 18.92
CA LEU B 13 16.84 10.09 19.92
C LEU B 13 17.19 8.62 20.04
N THR B 14 17.26 8.11 21.27
CA THR B 14 17.28 6.67 21.47
C THR B 14 15.90 6.11 21.14
N ALA B 15 15.80 4.79 21.02
CA ALA B 15 14.52 4.17 20.67
C ALA B 15 13.49 4.42 21.76
N ASP B 16 13.93 4.37 23.01
CA ASP B 16 13.02 4.60 24.14
C ASP B 16 12.52 6.04 24.13
N GLN B 17 13.38 6.98 23.78
CA GLN B 17 12.97 8.38 23.68
C GLN B 17 11.97 8.62 22.56
N MET B 18 12.20 7.94 21.42
CA MET B 18 11.28 8.01 20.30
C MET B 18 9.90 7.50 20.70
N VAL B 19 9.85 6.35 21.38
CA VAL B 19 8.59 5.78 21.86
C VAL B 19 7.91 6.73 22.84
N SER B 20 8.67 7.27 23.78
CA SER B 20 8.14 8.25 24.73
C SER B 20 7.54 9.43 24.00
N ALA B 21 8.28 9.97 23.05
CA ALA B 21 7.84 11.12 22.28
C ALA B 21 6.52 10.85 21.57
N LEU B 22 6.42 9.70 20.91
CA LEU B 22 5.21 9.36 20.16
C LEU B 22 4.01 9.12 21.09
N LEU B 23 4.25 8.45 22.20
CA LEU B 23 3.18 8.13 23.13
C LEU B 23 2.62 9.40 23.75
N ASP B 24 3.53 10.31 24.10
CA ASP B 24 3.13 11.60 24.67
C ASP B 24 2.35 12.45 23.69
N ALA B 25 2.61 12.25 22.40
CA ALA B 25 1.99 13.03 21.34
C ALA B 25 0.58 12.54 21.01
N GLU B 26 0.17 11.42 21.60
CA GLU B 26 -1.07 10.76 21.17
C GLU B 26 -2.24 11.70 21.35
N PRO B 27 -3.12 11.81 20.34
CA PRO B 27 -4.29 12.69 20.49
C PRO B 27 -5.34 12.03 21.39
N PRO B 28 -6.28 12.81 21.92
CA PRO B 28 -7.29 12.17 22.77
C PRO B 28 -8.34 11.44 21.95
N ILE B 29 -9.11 10.57 22.59
CA ILE B 29 -10.23 9.92 21.93
C ILE B 29 -11.47 10.81 22.02
N LEU B 30 -11.93 11.30 20.88
CA LEU B 30 -13.04 12.22 20.84
C LEU B 30 -14.40 11.51 20.87
N TYR B 31 -15.42 12.20 21.35
CA TYR B 31 -16.77 11.67 21.35
C TYR B 31 -17.53 12.14 20.12
N SER B 32 -18.52 11.36 19.70
CA SER B 32 -19.44 11.78 18.65
C SER B 32 -20.68 12.41 19.25
N GLU B 33 -21.56 12.95 18.41
CA GLU B 33 -22.83 13.49 18.89
C GLU B 33 -23.98 12.51 18.69
N TYR B 34 -23.70 11.23 18.66
CA TYR B 34 -24.74 10.26 18.44
C TYR B 34 -25.71 10.39 19.56
N ASP B 35 -26.96 10.58 19.21
CA ASP B 35 -28.04 10.46 20.15
C ASP B 35 -28.82 9.19 19.94
N PRO B 36 -28.75 8.26 20.95
CA PRO B 36 -29.17 6.91 20.54
C PRO B 36 -30.67 6.78 20.31
N THR B 37 -31.44 7.78 20.71
CA THR B 37 -32.80 7.92 20.24
C THR B 37 -32.98 8.22 18.77
N ARG B 38 -32.18 9.11 18.22
CA ARG B 38 -32.52 9.64 16.92
C ARG B 38 -32.63 8.46 16.01
N PRO B 39 -33.69 8.49 15.13
CA PRO B 39 -33.59 7.52 14.05
C PRO B 39 -32.38 7.90 13.24
N PHE B 40 -31.71 6.93 12.65
CA PHE B 40 -30.56 7.22 11.84
C PHE B 40 -30.98 7.40 10.41
N SER B 41 -30.72 8.57 9.86
CA SER B 41 -30.66 8.78 8.45
C SER B 41 -29.39 8.13 7.92
N GLU B 42 -29.32 7.92 6.62
CA GLU B 42 -28.06 7.98 5.91
C GLU B 42 -27.36 9.29 6.08
N ALA B 43 -28.09 10.38 5.97
CA ALA B 43 -27.45 11.70 6.08
C ALA B 43 -26.92 11.97 7.49
N SER B 44 -27.65 11.52 8.51
CA SER B 44 -27.25 11.80 9.88
C SER B 44 -26.02 10.98 10.26
N MET B 45 -25.99 9.71 9.86
CA MET B 45 -24.84 8.85 10.16
C MET B 45 -23.55 9.43 9.55
N MET B 46 -23.66 9.89 8.32
CA MET B 46 -22.54 10.55 7.65
C MET B 46 -22.26 11.89 8.29
N GLY B 47 -23.32 12.60 8.67
CA GLY B 47 -23.20 13.83 9.44
C GLY B 47 -22.38 13.62 10.70
N LEU B 48 -22.76 12.63 11.51
CA LEU B 48 -22.00 12.29 12.72
C LEU B 48 -20.53 11.98 12.45
N LEU B 49 -20.26 11.15 11.44
CA LEU B 49 -18.89 10.79 11.11
C LEU B 49 -18.10 11.98 10.58
N THR B 50 -18.72 12.79 9.74
CA THR B 50 -18.03 13.99 9.25
C THR B 50 -17.69 14.93 10.41
N ASN B 51 -18.67 15.16 11.30
CA ASN B 51 -18.45 15.99 12.48
C ASN B 51 -17.26 15.53 13.29
N LEU B 52 -17.21 14.21 13.55
CA LEU B 52 -16.12 13.58 14.29
C LEU B 52 -14.76 13.73 13.58
N ALA B 53 -14.70 13.23 12.34
CA ALA B 53 -13.46 13.28 11.57
C ALA B 53 -12.90 14.69 11.53
N ASP B 54 -13.76 15.68 11.30
CA ASP B 54 -13.35 17.09 11.24
C ASP B 54 -12.69 17.55 12.54
N ARG B 55 -13.26 17.17 13.67
CA ARG B 55 -12.65 17.49 14.94
C ARG B 55 -11.35 16.72 15.17
N GLU B 56 -11.33 15.47 14.75
CA GLU B 56 -10.12 14.67 14.86
C GLU B 56 -8.97 15.25 14.03
N LEU B 57 -9.30 15.82 12.88
CA LEU B 57 -8.31 16.46 12.02
C LEU B 57 -7.55 17.58 12.73
N VAL B 58 -8.24 18.33 13.59
CA VAL B 58 -7.57 19.41 14.28
C VAL B 58 -6.52 18.84 15.22
N HIS B 59 -6.88 17.78 15.95
CA HIS B 59 -5.92 17.13 16.84
C HIS B 59 -4.81 16.44 16.05
N MET B 60 -5.17 15.92 14.88
CA MET B 60 -4.18 15.24 14.03
C MET B 60 -3.11 16.23 13.56
N ILE B 61 -3.56 17.41 13.12
CA ILE B 61 -2.62 18.43 12.71
C ILE B 61 -1.66 18.75 13.83
N ASN B 62 -2.14 18.84 15.06
CA ASN B 62 -1.26 19.24 16.14
C ASN B 62 -0.45 18.06 16.66
N TRP B 63 -0.93 16.83 16.43
CA TRP B 63 -0.14 15.63 16.69
C TRP B 63 1.05 15.54 15.71
N ALA B 64 0.78 15.85 14.45
CA ALA B 64 1.82 15.76 13.42
C ALA B 64 3.04 16.63 13.76
N LYS B 65 2.80 17.82 14.31
CA LYS B 65 3.88 18.73 14.70
C LYS B 65 4.80 18.08 15.73
N ARG B 66 4.27 17.10 16.46
CA ARG B 66 5.01 16.45 17.53
C ARG B 66 5.65 15.15 17.09
N VAL B 67 5.44 14.77 15.83
CA VAL B 67 6.14 13.61 15.27
C VAL B 67 7.56 14.06 14.96
N PRO B 68 8.55 13.40 15.56
CA PRO B 68 9.95 13.76 15.36
C PRO B 68 10.29 13.89 13.87
N GLY B 69 10.91 15.01 13.51
CA GLY B 69 11.32 15.25 12.15
C GLY B 69 10.32 16.10 11.38
N PHE B 70 9.05 16.00 11.75
CA PHE B 70 7.99 16.65 10.98
C PHE B 70 8.13 18.18 10.92
N VAL B 71 8.57 18.82 12.00
CA VAL B 71 8.71 20.28 12.02
C VAL B 71 9.98 20.73 11.32
N ASP B 72 10.88 19.80 11.04
CA ASP B 72 12.09 20.13 10.31
C ASP B 72 11.78 20.31 8.83
N LEU B 73 10.63 19.80 8.40
CA LEU B 73 10.23 19.89 7.01
C LEU B 73 9.70 21.27 6.70
N THR B 74 9.79 21.67 5.43
CA THR B 74 9.19 22.94 5.05
C THR B 74 7.70 22.85 5.28
N LEU B 75 7.04 23.99 5.25
CA LEU B 75 5.63 24.00 5.59
C LEU B 75 4.83 23.43 4.41
N HIS B 76 5.31 23.72 3.20
CA HIS B 76 4.74 23.18 1.98
C HIS B 76 4.70 21.65 2.01
N ASP B 77 5.76 21.05 2.54
CA ASP B 77 5.86 19.60 2.62
C ASP B 77 4.97 19.02 3.71
N GLN B 78 4.86 19.71 4.84
CA GLN B 78 3.94 19.28 5.90
C GLN B 78 2.53 19.18 5.35
N VAL B 79 2.15 20.17 4.54
CA VAL B 79 0.80 20.20 4.02
C VAL B 79 0.54 19.01 3.13
N HIS B 80 1.50 18.73 2.24
CA HIS B 80 1.39 17.61 1.30
C HIS B 80 1.27 16.26 2.02
N LEU B 81 2.19 15.98 2.94
CA LEU B 81 2.09 14.76 3.76
C LEU B 81 0.73 14.57 4.44
N LEU B 82 0.22 15.60 5.11
CA LEU B 82 -1.06 15.44 5.79
C LEU B 82 -2.19 15.27 4.77
N GLU B 83 -2.08 15.95 3.63
CA GLU B 83 -3.11 15.81 2.62
C GLU B 83 -3.14 14.37 2.10
N CYS B 84 -1.98 13.76 1.96
CA CYS B 84 -1.86 12.40 1.42
C CYS B 84 -2.32 11.36 2.46
N ALA B 85 -2.00 11.60 3.73
CA ALA B 85 -2.10 10.59 4.78
C ALA B 85 -3.31 10.69 5.70
N TRP B 86 -4.07 11.79 5.66
CA TRP B 86 -5.06 12.00 6.75
C TRP B 86 -6.08 10.87 6.87
N LEU B 87 -6.60 10.34 5.77
CA LEU B 87 -7.63 9.31 5.89
C LEU B 87 -7.01 8.01 6.44
N GLU B 88 -5.86 7.63 5.88
CA GLU B 88 -5.10 6.50 6.42
C GLU B 88 -4.89 6.58 7.94
N ILE B 89 -4.54 7.77 8.39
CA ILE B 89 -4.25 7.99 9.80
C ILE B 89 -5.54 7.89 10.62
N LEU B 90 -6.63 8.50 10.15
CA LEU B 90 -7.93 8.31 10.80
C LEU B 90 -8.28 6.82 10.87
N MET B 91 -8.03 6.12 9.77
CA MET B 91 -8.41 4.71 9.64
C MET B 91 -7.60 3.82 10.58
N ILE B 92 -6.30 4.04 10.67
CA ILE B 92 -5.51 3.17 11.53
C ILE B 92 -5.85 3.46 13.01
N GLY B 93 -6.19 4.71 13.34
CA GLY B 93 -6.69 5.01 14.67
C GLY B 93 -7.98 4.27 14.98
N LEU B 94 -8.89 4.30 14.03
CA LEU B 94 -10.16 3.61 14.19
C LEU B 94 -9.94 2.11 14.40
N VAL B 95 -9.09 1.53 13.57
CA VAL B 95 -8.81 0.10 13.68
C VAL B 95 -8.16 -0.26 15.02
N TRP B 96 -7.24 0.58 15.49
CA TRP B 96 -6.61 0.38 16.78
C TRP B 96 -7.63 0.38 17.94
N ARG B 97 -8.49 1.40 18.02
CA ARG B 97 -9.41 1.45 19.15
C ARG B 97 -10.55 0.45 18.96
N SER B 98 -10.64 -0.18 17.78
CA SER B 98 -11.69 -1.16 17.56
C SER B 98 -11.22 -2.58 17.86
N MET B 99 -9.94 -2.71 18.21
CA MET B 99 -9.32 -4.02 18.37
C MET B 99 -10.07 -4.94 19.33
N GLU B 100 -10.43 -4.42 20.50
CA GLU B 100 -11.11 -5.25 21.51
C GLU B 100 -12.63 -5.36 21.30
N HIS B 101 -13.10 -4.93 20.13
CA HIS B 101 -14.52 -5.06 19.79
C HIS B 101 -14.72 -5.83 18.48
N PRO B 102 -14.57 -7.17 18.54
CA PRO B 102 -14.73 -8.00 17.34
C PRO B 102 -16.03 -7.72 16.61
N GLY B 103 -15.96 -7.58 15.29
CA GLY B 103 -17.13 -7.31 14.48
C GLY B 103 -17.69 -5.91 14.64
N LYS B 104 -17.03 -5.07 15.41
CA LYS B 104 -17.51 -3.71 15.52
C LYS B 104 -16.41 -2.69 15.27
N LEU B 105 -16.83 -1.49 14.88
CA LEU B 105 -15.94 -0.35 14.73
C LEU B 105 -16.27 0.73 15.76
N LEU B 106 -15.32 1.01 16.63
CA LEU B 106 -15.47 2.02 17.63
C LEU B 106 -15.05 3.36 17.10
N PHE B 107 -15.92 4.02 16.37
CA PHE B 107 -15.66 5.36 15.86
C PHE B 107 -15.48 6.30 17.04
N ALA B 108 -16.28 6.09 18.08
CA ALA B 108 -16.14 6.87 19.31
C ALA B 108 -16.62 6.01 20.48
N PRO B 109 -16.23 6.36 21.71
CA PRO B 109 -16.71 5.55 22.83
C PRO B 109 -18.24 5.43 22.86
N ASN B 110 -18.93 6.40 22.26
CA ASN B 110 -20.39 6.41 22.29
C ASN B 110 -20.96 6.10 20.91
N LEU B 111 -20.11 5.58 20.03
CA LEU B 111 -20.51 5.27 18.67
C LEU B 111 -19.80 4.00 18.21
N LEU B 112 -20.47 2.87 18.45
CA LEU B 112 -19.91 1.57 18.20
C LEU B 112 -20.81 0.89 17.19
N LEU B 113 -20.34 0.85 15.94
CA LEU B 113 -21.15 0.38 14.82
C LEU B 113 -20.73 -0.99 14.33
N ASP B 114 -21.69 -1.73 13.82
CA ASP B 114 -21.38 -2.96 13.11
C ASP B 114 -21.72 -2.87 11.64
N ARG B 115 -21.42 -3.92 10.90
CA ARG B 115 -21.42 -3.85 9.45
C ARG B 115 -22.80 -3.43 9.05
N ASN B 116 -23.78 -3.92 9.79
CA ASN B 116 -25.15 -3.68 9.45
C ASN B 116 -25.38 -2.19 9.36
N GLN B 117 -24.88 -1.44 10.31
CA GLN B 117 -25.16 -0.01 10.35
C GLN B 117 -24.40 0.70 9.26
N GLY B 118 -23.45 0.01 8.67
CA GLY B 118 -22.89 0.46 7.42
C GLY B 118 -23.95 0.32 6.37
N LYS B 119 -23.76 1.00 5.24
CA LYS B 119 -24.79 0.98 4.23
C LYS B 119 -25.97 1.64 4.85
N GLY B 123 -22.02 2.87 -0.12
CA GLY B 123 -20.90 2.00 -0.42
C GLY B 123 -19.92 1.92 0.72
N MET B 124 -20.42 2.22 1.92
CA MET B 124 -19.58 2.23 3.11
C MET B 124 -19.30 0.84 3.64
N VAL B 125 -20.21 -0.09 3.36
CA VAL B 125 -20.11 -1.45 3.86
C VAL B 125 -18.80 -2.10 3.43
N GLU B 126 -18.44 -1.88 2.17
CA GLU B 126 -17.21 -2.41 1.63
C GLU B 126 -16.00 -1.92 2.42
N ILE B 127 -15.91 -0.62 2.65
CA ILE B 127 -14.81 -0.10 3.45
C ILE B 127 -14.90 -0.61 4.88
N PHE B 128 -16.11 -0.70 5.43
CA PHE B 128 -16.27 -1.19 6.81
C PHE B 128 -15.74 -2.61 6.94
N ASP B 129 -16.02 -3.44 5.96
CA ASP B 129 -15.56 -4.80 6.00
C ASP B 129 -14.07 -4.83 6.02
N MET B 130 -13.42 -4.00 5.23
CA MET B 130 -11.96 -3.98 5.18
C MET B 130 -11.38 -3.49 6.49
N LEU B 131 -12.00 -2.48 7.07
CA LEU B 131 -11.55 -1.98 8.36
C LEU B 131 -11.67 -3.04 9.45
N LEU B 132 -12.78 -3.78 9.42
CA LEU B 132 -13.00 -4.86 10.39
C LEU B 132 -11.94 -5.94 10.26
N ALA B 133 -11.68 -6.34 9.02
CA ALA B 133 -10.61 -7.27 8.71
C ALA B 133 -9.26 -6.77 9.23
N THR B 134 -8.99 -5.47 9.06
CA THR B 134 -7.73 -4.92 9.51
C THR B 134 -7.67 -4.98 11.02
N SER B 135 -8.79 -4.65 11.66
CA SER B 135 -8.84 -4.70 13.11
C SER B 135 -8.64 -6.14 13.57
N SER B 136 -9.24 -7.06 12.83
CA SER B 136 -9.12 -8.47 13.16
C SER B 136 -7.66 -8.92 13.09
N ARG B 137 -6.95 -8.42 12.09
CA ARG B 137 -5.55 -8.72 11.94
C ARG B 137 -4.66 -8.18 13.04
N PHE B 138 -4.85 -6.94 13.46
CA PHE B 138 -4.09 -6.39 14.58
C PHE B 138 -4.32 -7.22 15.85
N ARG B 139 -5.57 -7.63 16.05
CA ARG B 139 -5.95 -8.44 17.19
C ARG B 139 -5.16 -9.76 17.22
N MET B 140 -5.24 -10.49 16.12
CA MET B 140 -4.49 -11.74 15.94
C MET B 140 -3.00 -11.58 16.22
N MET B 141 -2.40 -10.50 15.71
CA MET B 141 -0.98 -10.23 15.92
C MET B 141 -0.67 -9.68 17.29
N ASN B 142 -1.71 -9.38 18.06
CA ASN B 142 -1.56 -8.69 19.34
C ASN B 142 -0.69 -7.43 19.21
N LEU B 143 -1.04 -6.55 18.28
CA LEU B 143 -0.39 -5.25 18.14
C LEU B 143 -0.34 -4.47 19.45
N GLN B 144 0.84 -3.95 19.80
CA GLN B 144 1.03 -3.18 21.01
C GLN B 144 0.93 -1.69 20.72
N GLY B 145 0.58 -0.92 21.74
CA GLY B 145 0.45 0.53 21.63
C GLY B 145 1.70 1.19 21.08
N GLU B 146 2.86 0.70 21.51
CA GLU B 146 4.13 1.29 21.13
C GLU B 146 4.39 1.05 19.65
N GLU B 147 3.94 -0.09 19.15
CA GLU B 147 4.07 -0.45 17.74
C GLU B 147 3.09 0.38 16.91
N PHE B 148 1.87 0.48 17.42
CA PHE B 148 0.85 1.33 16.79
C PHE B 148 1.34 2.75 16.57
N VAL B 149 1.89 3.40 17.60
CA VAL B 149 2.28 4.79 17.43
C VAL B 149 3.43 4.88 16.41
N CYS B 150 4.28 3.85 16.32
CA CYS B 150 5.33 3.82 15.31
C CYS B 150 4.70 3.74 13.93
N LEU B 151 3.76 2.82 13.78
CA LEU B 151 3.10 2.60 12.50
C LEU B 151 2.42 3.85 12.00
N LYS B 152 1.74 4.56 12.91
CA LYS B 152 1.01 5.76 12.53
C LYS B 152 1.96 6.88 12.08
N SER B 153 3.10 7.02 12.76
CA SER B 153 4.09 8.01 12.35
C SER B 153 4.70 7.62 11.00
N ILE B 154 4.82 6.33 10.75
CA ILE B 154 5.37 5.88 9.45
C ILE B 154 4.44 6.30 8.31
N ILE B 155 3.13 6.10 8.49
CA ILE B 155 2.14 6.50 7.50
C ILE B 155 2.25 7.97 7.15
N LEU B 156 2.36 8.81 8.17
CA LEU B 156 2.50 10.24 7.99
C LEU B 156 3.70 10.59 7.13
N LEU B 157 4.85 10.10 7.53
CA LEU B 157 6.05 10.33 6.78
C LEU B 157 6.05 9.67 5.42
N ASN B 158 5.60 8.43 5.35
CA ASN B 158 5.63 7.66 4.11
C ASN B 158 4.71 8.01 2.97
N SER B 159 3.48 8.32 3.28
CA SER B 159 2.44 8.17 2.30
C SER B 159 2.60 9.12 1.12
N GLY B 160 3.06 10.33 1.39
CA GLY B 160 3.21 11.31 0.35
C GLY B 160 4.63 11.48 -0.13
N VAL B 161 5.56 10.73 0.46
CA VAL B 161 6.98 10.96 0.20
C VAL B 161 7.35 10.71 -1.27
N TYR B 162 6.62 9.86 -1.97
CA TYR B 162 6.96 9.54 -3.34
C TYR B 162 6.31 10.43 -4.34
N THR B 163 5.42 11.26 -3.86
CA THR B 163 4.76 12.25 -4.69
C THR B 163 5.12 13.66 -4.23
N GLU B 173 15.61 17.16 -2.43
CA GLU B 173 16.75 16.90 -1.55
C GLU B 173 16.32 16.70 -0.10
N GLU B 174 15.13 17.17 0.24
CA GLU B 174 14.63 17.08 1.61
C GLU B 174 13.87 15.79 1.84
N LYS B 175 13.70 15.03 0.76
CA LYS B 175 13.14 13.69 0.86
C LYS B 175 14.06 12.83 1.74
N ASP B 176 15.35 13.13 1.70
CA ASP B 176 16.36 12.37 2.43
C ASP B 176 16.18 12.44 3.95
N HIS B 177 15.84 13.61 4.46
CA HIS B 177 15.61 13.76 5.89
C HIS B 177 14.49 12.84 6.36
N ILE B 178 13.39 12.81 5.61
CA ILE B 178 12.24 11.96 5.91
C ILE B 178 12.63 10.48 5.94
N HIS B 179 13.46 10.06 4.98
CA HIS B 179 13.86 8.67 4.94
C HIS B 179 14.75 8.32 6.14
N ARG B 180 15.63 9.23 6.54
CA ARG B 180 16.43 8.97 7.74
C ARG B 180 15.56 8.88 9.00
N VAL B 181 14.49 9.66 9.06
CA VAL B 181 13.58 9.56 10.20
C VAL B 181 12.79 8.25 10.11
N LEU B 182 12.38 7.87 8.91
CA LEU B 182 11.71 6.58 8.71
C LEU B 182 12.59 5.43 9.20
N ASP B 183 13.87 5.48 8.85
CA ASP B 183 14.84 4.49 9.32
C ASP B 183 14.90 4.41 10.85
N LYS B 184 14.89 5.56 11.51
CA LYS B 184 14.88 5.60 12.97
C LYS B 184 13.65 4.92 13.56
N ILE B 185 12.49 5.08 12.92
CA ILE B 185 11.28 4.45 13.40
C ILE B 185 11.35 2.93 13.20
N THR B 186 11.94 2.50 12.12
CA THR B 186 12.20 1.10 11.93
C THR B 186 13.10 0.57 13.04
N ASP B 187 14.12 1.30 13.39
CA ASP B 187 15.02 0.86 14.44
C ASP B 187 14.21 0.72 15.71
N THR B 188 13.30 1.64 15.93
CA THR B 188 12.43 1.64 17.09
C THR B 188 11.48 0.47 17.15
N LEU B 189 10.81 0.19 16.05
CA LEU B 189 10.00 -1.04 15.99
C LEU B 189 10.81 -2.28 16.37
N ILE B 190 11.99 -2.42 15.75
CA ILE B 190 12.88 -3.55 16.01
C ILE B 190 13.31 -3.63 17.47
N HIS B 191 13.67 -2.47 18.04
CA HIS B 191 14.03 -2.38 19.44
C HIS B 191 12.89 -2.89 20.33
N LEU B 192 11.67 -2.45 20.02
CA LEU B 192 10.49 -2.84 20.78
C LEU B 192 10.27 -4.35 20.76
N MET B 193 10.48 -4.95 19.59
CA MET B 193 10.32 -6.39 19.42
C MET B 193 11.42 -7.22 20.08
N ALA B 194 12.67 -6.73 20.03
CA ALA B 194 13.75 -7.42 20.72
C ALA B 194 13.47 -7.43 22.23
N LYS B 195 12.87 -6.36 22.73
CA LYS B 195 12.59 -6.22 24.16
C LYS B 195 11.46 -7.17 24.59
N ALA B 196 10.52 -7.45 23.68
CA ALA B 196 9.42 -8.36 23.98
C ALA B 196 9.89 -9.82 23.90
N GLY B 197 11.16 -10.03 23.57
CA GLY B 197 11.74 -11.36 23.61
C GLY B 197 11.75 -12.08 22.28
N LEU B 198 11.34 -11.40 21.21
CA LEU B 198 11.33 -12.03 19.89
C LEU B 198 12.75 -12.33 19.42
N THR B 199 12.96 -13.53 18.86
CA THR B 199 14.19 -13.84 18.14
C THR B 199 14.39 -12.86 16.98
N LEU B 200 15.61 -12.80 16.48
CA LEU B 200 15.94 -11.95 15.33
C LEU B 200 15.04 -12.26 14.15
N GLN B 201 14.90 -13.55 13.84
CA GLN B 201 14.01 -13.97 12.78
C GLN B 201 12.59 -13.48 13.00
N GLN B 202 12.11 -13.65 14.23
CA GLN B 202 10.76 -13.21 14.58
C GLN B 202 10.58 -11.69 14.42
N GLN B 203 11.59 -10.93 14.83
CA GLN B 203 11.56 -9.46 14.72
C GLN B 203 11.35 -9.05 13.27
N HIS B 204 12.18 -9.60 12.39
CA HIS B 204 12.11 -9.25 10.98
C HIS B 204 10.78 -9.71 10.38
N GLN B 205 10.29 -10.88 10.79
CA GLN B 205 9.01 -11.34 10.28
C GLN B 205 7.87 -10.43 10.72
N ARG B 206 7.84 -10.09 12.01
CA ARG B 206 6.79 -9.24 12.54
C ARG B 206 6.88 -7.86 11.91
N LEU B 207 8.11 -7.34 11.77
CA LEU B 207 8.31 -6.05 11.12
C LEU B 207 7.66 -6.05 9.75
N ALA B 208 7.91 -7.09 8.98
CA ALA B 208 7.35 -7.20 7.65
C ALA B 208 5.84 -7.28 7.69
N GLN B 209 5.33 -8.09 8.61
CA GLN B 209 3.89 -8.25 8.78
C GLN B 209 3.19 -6.91 9.03
N LEU B 210 3.77 -6.08 9.90
CA LEU B 210 3.18 -4.78 10.21
C LEU B 210 3.22 -3.83 9.02
N LEU B 211 4.32 -3.80 8.33
CA LEU B 211 4.45 -2.94 7.18
C LEU B 211 3.53 -3.31 6.02
N LEU B 212 3.34 -4.58 5.77
CA LEU B 212 2.46 -5.02 4.72
C LEU B 212 1.04 -4.59 4.97
N ILE B 213 0.67 -4.46 6.22
CA ILE B 213 -0.64 -3.98 6.55
C ILE B 213 -0.84 -2.58 6.04
N LEU B 214 0.19 -1.79 6.07
CA LEU B 214 0.12 -0.40 5.65
C LEU B 214 -0.30 -0.28 4.23
N SER B 215 -0.10 -1.35 3.50
CA SER B 215 -0.46 -1.38 2.12
C SER B 215 -1.94 -1.69 1.97
N HIS B 216 -2.59 -2.46 2.80
N HIS B 216 -2.65 -2.47 2.78
CA HIS B 216 -4.02 -2.61 2.77
CA HIS B 216 -4.10 -2.58 2.73
C HIS B 216 -4.77 -1.32 3.12
C HIS B 216 -4.80 -1.28 3.10
N ILE B 217 -4.26 -0.70 4.09
CA ILE B 217 -4.58 0.63 4.61
C ILE B 217 -4.49 1.72 3.56
N ARG B 218 -3.37 1.84 2.87
CA ARG B 218 -3.36 2.68 1.66
C ARG B 218 -4.52 2.34 0.76
N HIS B 219 -4.72 1.04 0.54
CA HIS B 219 -5.80 0.55 -0.29
C HIS B 219 -7.17 1.04 0.22
N MET B 220 -7.41 0.87 1.51
CA MET B 220 -8.69 1.31 2.08
C MET B 220 -8.94 2.82 1.91
N SER B 221 -7.90 3.61 2.17
CA SER B 221 -7.98 5.05 1.98
C SER B 221 -8.35 5.42 0.55
N ASN B 222 -7.69 4.78 -0.43
CA ASN B 222 -8.02 5.07 -1.80
C ASN B 222 -9.44 4.65 -2.17
N LYS B 223 -9.86 3.48 -1.72
CA LYS B 223 -11.20 3.02 -2.08
C LYS B 223 -12.23 3.93 -1.42
N GLY B 224 -11.90 4.41 -0.23
CA GLY B 224 -12.73 5.39 0.45
C GLY B 224 -12.94 6.65 -0.38
N MET B 225 -11.84 7.28 -0.80
CA MET B 225 -11.93 8.44 -1.68
C MET B 225 -12.76 8.14 -2.93
N GLU B 226 -12.51 6.99 -3.54
CA GLU B 226 -13.20 6.63 -4.76
C GLU B 226 -14.72 6.57 -4.53
N HIS B 227 -15.12 5.91 -3.46
CA HIS B 227 -16.55 5.77 -3.16
C HIS B 227 -17.22 7.11 -2.85
N LEU B 228 -16.45 8.07 -2.36
CA LEU B 228 -17.00 9.38 -2.04
C LEU B 228 -17.42 10.10 -3.33
N TYR B 229 -16.76 9.76 -4.43
CA TYR B 229 -17.05 10.37 -5.72
C TYR B 229 -18.02 9.55 -6.57
N PRO B 238 -21.11 16.10 2.06
CA PRO B 238 -21.66 16.66 3.31
C PRO B 238 -20.57 17.12 4.27
N LEU B 239 -19.68 17.99 3.82
CA LEU B 239 -18.31 17.97 4.23
C LEU B 239 -17.88 19.30 4.79
N SER B 240 -17.16 19.30 5.89
CA SER B 240 -16.64 20.53 6.47
C SER B 240 -15.68 21.21 5.55
N ASP B 241 -15.35 22.47 5.83
CA ASP B 241 -14.41 23.23 5.00
C ASP B 241 -13.00 22.65 5.03
N LEU B 242 -12.54 22.22 6.19
CA LEU B 242 -11.27 21.54 6.24
C LEU B 242 -11.24 20.21 5.51
N LEU B 243 -12.27 19.42 5.64
CA LEU B 243 -12.27 18.12 4.98
C LEU B 243 -12.23 18.28 3.47
N LEU B 244 -13.03 19.21 2.96
CA LEU B 244 -13.09 19.50 1.53
C LEU B 244 -11.75 19.97 0.96
N GLU B 245 -11.02 20.77 1.72
CA GLU B 245 -9.70 21.23 1.32
C GLU B 245 -8.65 20.12 1.27
N MET B 246 -8.85 19.06 2.05
CA MET B 246 -7.91 17.94 2.06
C MET B 246 -8.39 16.81 1.14
N LEU B 247 -9.71 16.69 1.05
CA LEU B 247 -10.36 15.74 0.15
C LEU B 247 -10.09 16.19 -1.28
N ASP B 248 -9.71 17.43 -1.41
CA ASP B 248 -9.28 17.97 -2.65
C ASP B 248 -8.00 17.36 -3.21
N ALA B 249 -7.04 17.11 -2.34
CA ALA B 249 -5.72 16.69 -2.82
C ALA B 249 -5.62 15.27 -3.38
N HIS B 250 -6.75 14.59 -3.55
CA HIS B 250 -6.71 13.24 -4.10
C HIS B 250 -7.47 13.14 -5.43
N ARG B 251 -7.66 14.28 -6.08
CA ARG B 251 -8.32 14.33 -7.38
C ARG B 251 -7.59 15.29 -8.32
N HIS C 2 -18.10 -18.83 -16.41
CA HIS C 2 -17.38 -18.18 -15.33
C HIS C 2 -16.35 -17.27 -15.95
N LYS C 3 -15.08 -17.50 -15.70
CA LYS C 3 -14.09 -16.52 -16.08
C LYS C 3 -12.94 -17.12 -16.79
N ILE C 4 -12.40 -16.37 -17.74
CA ILE C 4 -11.20 -16.77 -18.40
C ILE C 4 -10.15 -17.15 -17.39
N LEU C 5 -10.04 -16.35 -16.35
CA LEU C 5 -9.00 -16.57 -15.35
C LEU C 5 -9.02 -18.02 -14.81
N HIS C 6 -10.19 -18.59 -14.65
CA HIS C 6 -10.28 -19.96 -14.20
C HIS C 6 -9.67 -20.95 -15.19
N ARG C 7 -10.03 -20.80 -16.45
CA ARG C 7 -9.47 -21.60 -17.54
C ARG C 7 -7.95 -21.52 -17.58
N LEU C 8 -7.43 -20.30 -17.47
CA LEU C 8 -6.00 -20.09 -17.58
C LEU C 8 -5.22 -20.67 -16.40
N LEU C 9 -5.82 -20.63 -15.22
CA LEU C 9 -5.18 -21.16 -14.02
C LEU C 9 -5.13 -22.69 -13.98
N GLN C 10 -6.13 -23.34 -14.57
CA GLN C 10 -6.14 -24.80 -14.62
C GLN C 10 -5.25 -25.33 -15.76
N ASP C 11 -5.19 -24.60 -16.86
CA ASP C 11 -4.40 -24.96 -18.03
C ASP C 11 -3.04 -24.26 -18.00
N LYS D 3 -5.29 27.64 2.31
CA LYS D 3 -5.71 26.39 2.95
C LYS D 3 -5.78 26.52 4.47
N ILE D 4 -6.88 26.06 5.04
CA ILE D 4 -7.03 26.04 6.50
C ILE D 4 -5.95 25.18 7.13
N LEU D 5 -5.59 24.11 6.44
CA LEU D 5 -4.61 23.18 6.95
C LEU D 5 -3.31 23.89 7.14
N HIS D 6 -2.99 24.69 6.17
CA HIS D 6 -1.77 25.48 6.21
C HIS D 6 -1.79 26.46 7.38
N ARG D 7 -2.90 27.11 7.66
CA ARG D 7 -2.92 27.96 8.83
C ARG D 7 -2.74 27.22 10.11
N LEU D 8 -3.54 26.18 10.30
CA LEU D 8 -3.47 25.39 11.53
C LEU D 8 -2.07 24.86 11.82
N LEU D 9 -1.31 24.59 10.77
CA LEU D 9 0.09 24.20 10.91
C LEU D 9 0.96 25.35 11.44
N GLN D 10 0.53 26.59 11.20
CA GLN D 10 1.14 27.75 11.84
C GLN D 10 0.39 28.05 13.13
N ASP D 11 1.13 28.21 14.23
CA ASP D 11 0.57 28.36 15.58
C ASP D 11 -0.74 29.17 15.65
C01 OB9 E . -3.51 -2.54 -19.15
C02 OB9 E . -4.20 -2.02 -20.16
C03 OB9 E . -3.89 -0.80 -20.54
C04 OB9 E . -2.93 -0.13 -19.95
C05 OB9 E . -2.21 -0.62 -18.94
C06 OB9 E . -2.54 -1.85 -18.56
O01 OB9 E . -5.17 -2.70 -20.76
C07 OB9 E . -1.25 0.10 -18.36
C08 OB9 E . 0.04 -0.12 -18.02
C09 OB9 E . 0.46 1.20 -17.41
C10 OB9 E . 0.90 -1.15 -18.10
C11 OB9 E . -1.50 1.54 -17.97
C12 OB9 E . 0.91 -2.04 -19.09
C13 OB9 E . 1.78 -3.05 -19.19
C14 OB9 E . 2.70 -3.22 -18.27
C15 OB9 E . 2.72 -2.34 -17.27
C16 OB9 E . 1.85 -1.34 -17.18
O02 OB9 E . 3.58 -4.22 -18.34
C17 OB9 E . -1.61 1.67 -16.47
C18 OB9 E . -0.17 1.33 -16.04
S01 OB9 E . -2.21 3.36 -16.05
O03 OB9 E . -0.27 2.14 -18.12
N01 OB9 E . -2.73 4.18 -17.40
O04 OB9 E . -1.01 3.81 -15.45
O05 OB9 E . -3.23 2.79 -15.28
C19 OB9 E . -3.91 4.61 -17.52
C20 OB9 E . -1.76 4.49 -18.50
C01 OB9 F . -15.08 11.38 7.15
C02 OB9 F . -16.29 11.75 6.80
C03 OB9 F . -17.20 10.81 6.74
C04 OB9 F . -16.93 9.54 7.01
C05 OB9 F . -15.73 9.15 7.40
C06 OB9 F . -14.82 10.11 7.42
O01 OB9 F . -16.54 13.02 6.53
C07 OB9 F . -15.39 7.89 7.63
C08 OB9 F . -14.63 7.20 8.53
C09 OB9 F . -14.69 5.79 7.94
C10 OB9 F . -13.94 7.52 9.63
C11 OB9 F . -15.81 6.85 6.63
C12 OB9 F . -14.18 8.60 10.39
C13 OB9 F . -13.47 8.88 11.48
C14 OB9 F . -12.48 8.12 11.90
C15 OB9 F . -12.21 7.05 11.16
C16 OB9 F . -12.92 6.77 10.06
O02 OB9 F . -11.77 8.41 12.98
C17 OB9 F . -14.59 6.65 5.75
C18 OB9 F . -13.83 5.70 6.69
S01 OB9 F . -14.93 6.11 4.03
O03 OB9 F . -15.92 5.70 7.35
N01 OB9 F . -15.46 7.28 3.00
O04 OB9 F . -15.74 5.02 4.36
O05 OB9 F . -13.61 5.82 3.78
C19 OB9 F . -16.60 7.18 2.48
C20 OB9 F . -14.54 8.34 2.48
C21 OB9 F . -17.55 8.09 2.43
C22 OB9 F . -18.71 7.88 1.84
C23 OB9 F . -18.96 6.74 1.25
C24 OB9 F . -18.03 5.82 1.26
C25 OB9 F . -16.89 6.06 1.85
C26 OB9 F . -14.34 9.58 3.24
F01 OB9 F . -15.43 10.19 3.50
F02 OB9 F . -13.61 10.41 2.59
F03 OB9 F . -13.83 9.37 4.38
C01 OB9 G . -15.08 11.36 7.15
C02 OB9 G . -16.28 11.73 6.81
C03 OB9 G . -17.20 10.79 6.74
C04 OB9 G . -16.92 9.52 7.01
C05 OB9 G . -15.72 9.14 7.40
C06 OB9 G . -14.82 10.10 7.42
O01 OB9 G . -16.54 13.01 6.53
C07 OB9 G . -15.38 7.87 7.63
C08 OB9 G . -14.63 7.19 8.51
C09 OB9 G . -14.69 5.77 7.96
C10 OB9 G . -13.93 7.52 9.62
C11 OB9 G . -15.82 6.81 6.62
C12 OB9 G . -14.18 8.59 10.38
C13 OB9 G . -13.47 8.88 11.47
C14 OB9 G . -12.48 8.12 11.89
C15 OB9 G . -12.21 7.05 11.16
C16 OB9 G . -12.92 6.76 10.06
O02 OB9 G . -11.77 8.41 12.98
C17 OB9 G . -14.60 6.59 5.74
C18 OB9 G . -13.83 5.66 6.70
S01 OB9 G . -15.00 6.08 4.02
O03 OB9 G . -15.93 5.68 7.37
N01 OB9 G . -15.74 7.39 3.36
O04 OB9 G . -15.73 4.96 4.38
O05 OB9 G . -13.67 5.92 3.68
C19 OB9 G . -15.10 8.45 3.12
C20 OB9 G . -17.22 7.31 3.18
C21 OB9 G . -15.28 9.60 3.74
C22 OB9 G . -14.57 10.69 3.49
C23 OB9 G . -13.62 10.68 2.59
C24 OB9 G . -13.41 9.54 1.96
C25 OB9 G . -14.13 8.45 2.23
C26 OB9 G . -17.61 6.93 1.82
F01 OB9 G . -18.85 6.77 1.67
F02 OB9 G . -17.28 7.84 1.00
F03 OB9 G . -17.06 5.85 1.48
#